data_4JE3
#
_entry.id   4JE3
#
_cell.length_a   38.483
_cell.length_b   143.916
_cell.length_c   146.909
_cell.angle_alpha   90.000
_cell.angle_beta   90.000
_cell.angle_gamma   90.000
#
_symmetry.space_group_name_H-M   'I 2 2 2'
#
loop_
_entity.id
_entity.type
_entity.pdbx_description
1 polymer 'Central kinetochore subunit IML3'
2 polymer 'Central kinetochore subunit CHL4'
3 water water
#
loop_
_entity_poly.entity_id
_entity_poly.type
_entity_poly.pdbx_seq_one_letter_code
_entity_poly.pdbx_strand_id
1 'polypeptide(L)'
;SNAMPYTWKFLGISKQLSLENGIAKLNQLLNLEVDLDIQTIRVPSDPDGGTAADEYIRYEMRLDISNLDEGTYSKFIFLG
NSKMEVPMFLCYCGTDNRNEVVLQWLKAEYGVIMWPIKFEQKTMIKLADASIVHVTKENIEQITWFSSKLYFEPETQDKN
LRQFSIEIPRESCEGLALGYGNTMHPYNDAIVPYIYNETGMAVERLPLTSVILAGHTKIMRESIVTSTRSLRNRVLAVVL
QSIQF
;
A
2 'polypeptide(L)'
;SNAGKKNEDSGEPVYISRYSSLVPIEKVGFTLKNEINSRIITIKLKFNGNDIFGGLHELCDKNLINIDKVPGWLAGENGS
FSGTIMNGDFQREQVAKGGLL
;
B
#
# COMPACT_ATOMS: atom_id res chain seq x y z
N ASN A 2 15.41 0.34 -7.82
CA ASN A 2 15.14 0.89 -9.18
C ASN A 2 14.86 2.40 -9.11
N ALA A 3 13.63 2.81 -9.41
CA ALA A 3 13.17 4.14 -9.07
C ALA A 3 12.72 4.12 -7.60
N MET A 4 12.51 2.91 -7.07
CA MET A 4 12.21 2.71 -5.65
C MET A 4 13.14 1.65 -5.06
N PRO A 5 14.35 2.07 -4.68
CA PRO A 5 15.37 1.08 -4.28
C PRO A 5 15.27 0.59 -2.83
N TYR A 6 14.41 1.19 -2.02
CA TYR A 6 14.34 0.82 -0.61
C TYR A 6 13.13 -0.08 -0.33
N THR A 7 13.40 -1.31 0.11
CA THR A 7 12.36 -2.31 0.36
C THR A 7 12.25 -2.57 1.85
N TRP A 8 11.11 -2.24 2.44
CA TRP A 8 10.92 -2.34 3.89
C TRP A 8 10.17 -3.60 4.29
N LYS A 9 10.66 -4.25 5.35
CA LYS A 9 9.97 -5.39 5.95
C LYS A 9 9.64 -5.05 7.39
N PHE A 10 8.58 -5.64 7.91
CA PHE A 10 8.00 -5.19 9.18
C PHE A 10 7.90 -6.33 10.18
N LEU A 11 8.08 -6.02 11.45
CA LEU A 11 7.99 -7.00 12.52
C LEU A 11 7.31 -6.43 13.74
N GLY A 12 6.29 -7.13 14.23
CA GLY A 12 5.69 -6.80 15.50
C GLY A 12 6.64 -7.15 16.63
N ILE A 13 6.55 -6.41 17.73
CA ILE A 13 7.40 -6.64 18.90
C ILE A 13 6.56 -6.70 20.17
N SER A 14 6.89 -7.63 21.05
CA SER A 14 6.04 -7.91 22.21
C SER A 14 6.12 -6.86 23.31
N LYS A 15 7.16 -6.04 23.31
CA LYS A 15 7.21 -4.91 24.23
C LYS A 15 7.83 -3.65 23.63
N GLN A 16 7.57 -2.52 24.26
CA GLN A 16 8.08 -1.25 23.81
C GLN A 16 9.54 -1.15 24.21
N LEU A 17 10.44 -1.31 23.25
CA LEU A 17 11.87 -1.28 23.52
C LEU A 17 12.39 0.10 23.98
N SER A 18 13.06 0.18 25.09
CA SER A 18 13.58 1.47 25.49
C SER A 18 15.03 1.65 25.08
N LEU A 19 15.23 1.81 23.79
CA LEU A 19 16.54 1.79 23.21
C LEU A 19 17.25 3.02 23.68
N GLU A 20 16.50 3.94 24.25
CA GLU A 20 17.13 5.20 24.64
C GLU A 20 18.51 4.83 25.13
N ASN A 21 18.53 4.07 26.22
CA ASN A 21 19.72 3.38 26.67
C ASN A 21 19.44 1.90 26.51
N GLY A 22 20.19 1.25 25.63
CA GLY A 22 21.31 1.84 24.94
C GLY A 22 21.86 0.95 23.83
N ILE A 23 22.42 1.59 22.84
CA ILE A 23 22.91 0.96 21.64
C ILE A 23 24.33 0.45 21.86
N ALA A 24 24.93 0.93 22.92
CA ALA A 24 26.35 0.69 23.19
C ALA A 24 26.72 -0.79 23.10
N LYS A 25 25.92 -1.63 23.74
CA LYS A 25 26.16 -3.07 23.76
C LYS A 25 26.16 -3.64 22.34
N LEU A 26 25.22 -3.20 21.51
CA LEU A 26 25.15 -3.65 20.12
C LEU A 26 26.28 -3.07 19.30
N ASN A 27 26.69 -1.85 19.65
CA ASN A 27 27.75 -1.15 18.93
C ASN A 27 29.07 -1.91 18.92
N GLN A 28 29.44 -2.45 20.08
CA GLN A 28 30.67 -3.19 20.19
C GLN A 28 30.51 -4.58 19.59
N LEU A 29 29.33 -5.18 19.81
CA LEU A 29 29.04 -6.44 19.16
C LEU A 29 29.34 -6.27 17.68
N LEU A 30 28.83 -5.19 17.10
CA LEU A 30 28.97 -4.98 15.66
C LEU A 30 30.32 -4.34 15.32
N ASN A 31 31.09 -3.95 16.33
CA ASN A 31 32.34 -3.27 16.09
C ASN A 31 32.10 -2.29 14.95
N LEU A 32 31.21 -1.33 15.22
CA LEU A 32 30.63 -0.49 14.21
C LEU A 32 29.85 0.54 14.98
N GLU A 33 29.82 1.78 14.50
CA GLU A 33 29.09 2.83 15.18
C GLU A 33 27.67 2.96 14.62
N VAL A 34 26.71 2.45 15.36
CA VAL A 34 25.30 2.64 15.03
C VAL A 34 24.85 3.97 15.61
N ASP A 35 24.23 4.80 14.77
CA ASP A 35 23.66 6.06 15.22
C ASP A 35 22.20 5.84 15.59
N LEU A 36 21.80 6.35 16.74
CA LEU A 36 20.45 6.16 17.24
C LEU A 36 19.75 7.50 17.42
N ASP A 37 18.68 7.70 16.69
CA ASP A 37 17.91 8.93 16.78
C ASP A 37 16.57 8.64 17.45
N ILE A 38 16.17 9.49 18.39
CA ILE A 38 14.89 9.31 19.07
C ILE A 38 14.11 10.61 19.09
N GLN A 39 12.89 10.57 18.55
CA GLN A 39 12.00 11.72 18.59
C GLN A 39 10.61 11.29 18.94
N THR A 40 9.84 12.22 19.45
CA THR A 40 8.43 12.03 19.66
C THR A 40 7.73 12.66 18.47
N ILE A 41 6.78 11.95 17.90
CA ILE A 41 5.99 12.49 16.83
C ILE A 41 4.52 12.41 17.20
N ARG A 42 3.69 13.13 16.48
CA ARG A 42 2.26 13.11 16.65
C ARG A 42 1.54 12.79 15.35
N VAL A 43 0.67 11.80 15.38
CA VAL A 43 -0.23 11.48 14.26
C VAL A 43 -1.63 11.25 14.82
N PRO A 44 -2.60 12.08 14.43
CA PRO A 44 -2.51 13.24 13.53
C PRO A 44 -1.56 14.28 14.08
N SER A 45 -0.98 15.11 13.21
CA SER A 45 0.13 15.97 13.58
C SER A 45 -0.31 17.25 14.27
N ASP A 46 -1.35 17.89 13.79
CA ASP A 46 -1.79 19.14 14.37
C ASP A 46 -1.98 18.91 15.86
N PRO A 47 -1.04 19.46 16.62
CA PRO A 47 -0.81 19.10 18.02
C PRO A 47 -2.00 19.33 18.85
N ASP A 48 -3.14 19.50 18.22
CA ASP A 48 -4.35 19.76 18.95
C ASP A 48 -5.19 18.48 18.90
N GLY A 49 -4.66 17.38 19.38
CA GLY A 49 -5.38 16.15 19.16
C GLY A 49 -5.40 15.23 20.34
N GLY A 50 -5.77 15.80 21.48
CA GLY A 50 -5.72 15.09 22.74
C GLY A 50 -4.29 14.99 23.18
N THR A 51 -3.55 16.10 23.04
CA THR A 51 -2.15 16.27 23.48
C THR A 51 -1.45 15.00 23.96
N ALA A 52 -1.81 13.88 23.34
CA ALA A 52 -1.37 12.57 23.82
C ALA A 52 -2.20 11.49 23.23
N ALA A 53 -1.89 10.26 23.58
CA ALA A 53 -2.38 9.11 22.85
C ALA A 53 -1.89 9.13 21.40
N ASP A 54 -2.09 10.25 20.72
CA ASP A 54 -1.67 10.40 19.34
C ASP A 54 -0.16 10.67 19.26
N GLU A 55 0.49 10.72 20.42
CA GLU A 55 1.93 10.85 20.46
C GLU A 55 2.54 9.48 20.37
N TYR A 56 3.48 9.32 19.44
CA TYR A 56 4.22 8.07 19.31
C TYR A 56 5.69 8.35 19.59
N ILE A 57 6.48 7.31 19.72
CA ILE A 57 7.91 7.52 19.81
C ILE A 57 8.55 6.86 18.60
N ARG A 58 9.37 7.61 17.88
CA ARG A 58 10.03 7.12 16.67
C ARG A 58 11.53 6.99 16.89
N TYR A 59 12.05 5.80 16.65
CA TYR A 59 13.46 5.54 16.84
C TYR A 59 14.02 5.17 15.49
N GLU A 60 15.28 5.52 15.27
CA GLU A 60 15.96 5.13 14.04
C GLU A 60 17.40 4.73 14.31
N MET A 61 17.80 3.63 13.72
CA MET A 61 19.16 3.14 13.79
C MET A 61 19.66 3.05 12.37
N ARG A 62 20.67 3.84 12.05
CA ARG A 62 21.32 3.74 10.75
C ARG A 62 22.59 2.90 10.88
N LEU A 63 22.71 1.88 10.04
CA LEU A 63 23.95 1.12 9.94
C LEU A 63 24.87 1.85 8.97
N ASP A 64 25.93 2.45 9.51
CA ASP A 64 26.82 3.32 8.75
C ASP A 64 27.76 2.47 7.90
N ILE A 65 27.64 2.67 6.58
CA ILE A 65 28.31 1.85 5.58
C ILE A 65 28.24 2.33 4.12
N SER A 66 28.93 1.59 3.25
CA SER A 66 29.00 1.92 1.83
C SER A 66 27.87 2.86 1.40
N ASN A 67 28.11 3.58 0.31
CA ASN A 67 27.11 4.49 -0.25
C ASN A 67 27.09 4.38 -1.77
N LEU A 68 27.64 3.28 -2.27
CA LEU A 68 27.74 3.02 -3.70
C LEU A 68 26.42 2.46 -4.23
N ASP A 69 26.02 1.31 -3.70
CA ASP A 69 24.77 0.68 -4.12
C ASP A 69 23.69 0.91 -3.05
N GLU A 70 22.60 1.57 -3.46
CA GLU A 70 21.53 1.95 -2.53
C GLU A 70 20.77 0.72 -2.02
N GLY A 71 20.77 -0.34 -2.82
CA GLY A 71 20.14 -1.59 -2.43
C GLY A 71 20.70 -2.16 -1.14
N THR A 72 21.82 -1.62 -0.67
CA THR A 72 22.43 -2.10 0.58
C THR A 72 22.31 -1.07 1.74
N TYR A 73 21.76 0.10 1.43
CA TYR A 73 21.40 1.07 2.45
C TYR A 73 20.59 0.35 3.52
N SER A 74 20.97 0.48 4.78
CA SER A 74 20.38 -0.31 5.84
C SER A 74 19.93 0.57 6.99
N LYS A 75 18.62 0.61 7.26
CA LYS A 75 18.08 1.43 8.33
C LYS A 75 16.99 0.68 9.07
N PHE A 76 16.90 0.91 10.38
CA PHE A 76 15.88 0.31 11.22
C PHE A 76 15.01 1.41 11.77
N ILE A 77 13.69 1.28 11.63
CA ILE A 77 12.78 2.24 12.22
C ILE A 77 11.84 1.55 13.22
N PHE A 78 11.67 2.15 14.39
CA PHE A 78 10.76 1.63 15.40
C PHE A 78 9.71 2.68 15.68
N LEU A 79 8.46 2.26 15.81
CA LEU A 79 7.43 3.15 16.30
C LEU A 79 6.82 2.53 17.55
N GLY A 80 6.79 3.31 18.62
CA GLY A 80 6.22 2.82 19.86
C GLY A 80 5.10 3.69 20.36
N ASN A 81 4.13 3.06 21.00
CA ASN A 81 3.07 3.76 21.70
C ASN A 81 2.66 2.93 22.91
N SER A 82 2.97 3.43 24.10
CA SER A 82 2.77 2.68 25.33
C SER A 82 1.29 2.53 25.67
N LYS A 83 0.45 3.43 25.15
CA LYS A 83 -1.00 3.34 25.35
C LYS A 83 -1.70 2.38 24.39
N MET A 84 -0.93 1.50 23.74
CA MET A 84 -1.52 0.47 22.88
C MET A 84 -1.11 -0.92 23.34
N GLU A 85 -1.95 -1.91 23.07
CA GLU A 85 -1.74 -3.26 23.56
C GLU A 85 -0.54 -3.94 22.91
N VAL A 86 -0.43 -3.83 21.58
CA VAL A 86 0.82 -4.16 20.90
C VAL A 86 1.53 -2.81 20.67
N PRO A 87 2.51 -2.50 21.53
CA PRO A 87 2.95 -1.11 21.63
C PRO A 87 4.14 -0.76 20.73
N MET A 88 4.67 -1.69 19.98
CA MET A 88 5.78 -1.36 19.09
C MET A 88 5.88 -2.30 17.91
N PHE A 89 6.38 -1.78 16.79
CA PHE A 89 6.85 -2.63 15.70
C PHE A 89 8.16 -2.03 15.20
N LEU A 90 8.93 -2.80 14.45
CA LEU A 90 10.11 -2.26 13.76
C LEU A 90 10.01 -2.61 12.30
N CYS A 91 10.74 -1.90 11.47
CA CYS A 91 10.88 -2.26 10.07
C CYS A 91 12.28 -1.91 9.64
N TYR A 92 12.75 -2.52 8.55
CA TYR A 92 14.12 -2.28 8.15
C TYR A 92 14.24 -2.48 6.67
N CYS A 93 15.14 -1.72 6.05
CA CYS A 93 15.43 -1.86 4.63
C CYS A 93 16.85 -2.36 4.40
N GLY A 94 17.12 -2.77 3.18
CA GLY A 94 18.47 -3.15 2.81
C GLY A 94 18.74 -4.63 2.94
N THR A 95 19.85 -5.05 2.34
CA THR A 95 20.14 -6.45 2.22
C THR A 95 21.40 -6.82 3.02
N ASP A 96 21.89 -5.89 3.82
CA ASP A 96 23.12 -6.10 4.59
C ASP A 96 22.97 -7.34 5.48
N ASN A 97 24.08 -8.05 5.68
CA ASN A 97 24.06 -9.29 6.46
C ASN A 97 23.89 -9.05 7.95
N ARG A 98 24.26 -7.87 8.39
CA ARG A 98 24.12 -7.51 9.80
C ARG A 98 22.67 -7.26 10.21
N ASN A 99 21.76 -7.08 9.26
CA ASN A 99 20.34 -6.94 9.59
C ASN A 99 19.91 -8.06 10.54
N GLU A 100 20.12 -9.30 10.13
CA GLU A 100 19.68 -10.42 10.96
C GLU A 100 20.39 -10.41 12.30
N VAL A 101 21.59 -9.83 12.35
CA VAL A 101 22.37 -9.75 13.59
C VAL A 101 21.85 -8.66 14.49
N VAL A 102 21.08 -7.72 13.95
CA VAL A 102 20.51 -6.70 14.81
C VAL A 102 19.27 -7.26 15.50
N LEU A 103 18.56 -8.12 14.78
CA LEU A 103 17.31 -8.70 15.27
C LEU A 103 17.51 -9.62 16.48
N GLN A 104 18.36 -10.63 16.31
CA GLN A 104 18.68 -11.54 17.41
C GLN A 104 19.22 -10.81 18.63
N TRP A 105 19.71 -9.58 18.44
CA TRP A 105 20.30 -8.86 19.56
C TRP A 105 19.18 -8.21 20.34
N LEU A 106 18.25 -7.60 19.60
CA LEU A 106 17.08 -6.99 20.20
C LEU A 106 16.43 -8.04 21.10
N LYS A 107 16.19 -9.22 20.52
CA LYS A 107 15.61 -10.34 21.26
C LYS A 107 16.33 -10.57 22.58
N ALA A 108 17.63 -10.92 22.49
CA ALA A 108 18.43 -11.24 23.67
C ALA A 108 18.39 -10.10 24.66
N GLU A 109 18.87 -8.95 24.23
CA GLU A 109 19.00 -7.79 25.11
C GLU A 109 17.70 -7.49 25.83
N TYR A 110 16.58 -7.81 25.20
CA TYR A 110 15.28 -7.39 25.69
C TYR A 110 14.33 -8.55 25.99
N GLY A 111 14.67 -9.73 25.51
CA GLY A 111 13.81 -10.89 25.67
C GLY A 111 12.43 -10.60 25.11
N VAL A 112 12.39 -10.32 23.81
CA VAL A 112 11.14 -10.05 23.12
C VAL A 112 10.99 -11.05 22.01
N ILE A 113 9.75 -11.35 21.68
CA ILE A 113 9.46 -12.12 20.49
C ILE A 113 9.00 -11.15 19.43
N MET A 114 9.21 -11.54 18.18
CA MET A 114 8.86 -10.71 17.05
C MET A 114 8.16 -11.58 16.03
N TRP A 115 7.30 -10.99 15.22
CA TRP A 115 6.63 -11.75 14.18
C TRP A 115 6.52 -10.93 12.91
N PRO A 116 6.66 -11.57 11.75
CA PRO A 116 6.45 -10.91 10.46
C PRO A 116 5.07 -10.30 10.36
N ILE A 117 5.04 -9.03 9.98
CA ILE A 117 3.78 -8.35 9.74
C ILE A 117 3.37 -8.49 8.28
N LYS A 118 2.10 -8.87 8.08
CA LYS A 118 1.53 -8.96 6.74
C LYS A 118 0.34 -8.00 6.69
N PHE A 119 0.08 -7.42 5.52
CA PHE A 119 -0.99 -6.43 5.39
C PHE A 119 -2.15 -6.99 4.60
N GLU A 120 -3.34 -6.92 5.18
CA GLU A 120 -4.54 -7.27 4.43
C GLU A 120 -4.89 -6.11 3.49
N GLN A 121 -5.67 -6.41 2.44
CA GLN A 121 -6.10 -5.44 1.43
C GLN A 121 -6.55 -4.14 2.03
N LYS A 122 -7.41 -4.23 3.03
CA LYS A 122 -7.93 -3.01 3.60
C LYS A 122 -6.77 -2.19 4.20
N THR A 123 -5.73 -2.85 4.70
CA THR A 123 -4.62 -2.14 5.32
C THR A 123 -3.71 -1.56 4.25
N MET A 124 -3.55 -2.29 3.15
CA MET A 124 -2.83 -1.76 2.01
C MET A 124 -3.50 -0.46 1.56
N ILE A 125 -4.84 -0.43 1.56
CA ILE A 125 -5.57 0.79 1.21
C ILE A 125 -5.28 1.88 2.22
N LYS A 126 -5.36 1.56 3.50
CA LYS A 126 -5.08 2.56 4.52
C LYS A 126 -3.66 3.11 4.39
N LEU A 127 -2.72 2.27 3.99
CA LEU A 127 -1.33 2.69 3.88
C LEU A 127 -1.18 3.60 2.69
N ALA A 128 -2.00 3.39 1.65
CA ALA A 128 -1.98 4.29 0.50
C ALA A 128 -2.49 5.66 0.94
N ASP A 129 -3.54 5.67 1.74
CA ASP A 129 -4.07 6.95 2.23
C ASP A 129 -3.03 7.67 3.08
N ALA A 130 -2.27 6.91 3.87
CA ALA A 130 -1.25 7.46 4.75
C ALA A 130 -0.01 7.98 3.99
N SER A 131 0.35 7.32 2.89
CA SER A 131 1.54 7.67 2.13
C SER A 131 1.44 9.01 1.41
N ILE A 132 0.23 9.44 1.09
CA ILE A 132 0.07 10.63 0.26
C ILE A 132 -0.12 11.89 1.13
N VAL A 133 0.00 11.73 2.44
CA VAL A 133 -0.10 12.88 3.34
C VAL A 133 1.27 13.53 3.43
N HIS A 134 1.27 14.84 3.18
CA HIS A 134 2.43 15.70 3.31
C HIS A 134 2.28 16.53 4.58
N VAL A 135 3.37 16.67 5.31
CA VAL A 135 3.38 17.48 6.52
C VAL A 135 4.19 18.76 6.29
N THR A 136 3.53 19.91 6.32
CA THR A 136 4.21 21.21 6.22
C THR A 136 5.13 21.50 7.41
N LYS A 137 5.79 22.67 7.38
CA LYS A 137 6.72 23.06 8.44
C LYS A 137 5.96 23.37 9.72
N GLU A 138 4.72 23.82 9.54
CA GLU A 138 3.84 24.12 10.65
C GLU A 138 3.04 22.90 11.11
N ASN A 139 3.54 21.71 10.78
CA ASN A 139 2.93 20.45 11.18
C ASN A 139 1.46 20.34 10.81
N ILE A 140 1.10 20.95 9.69
CA ILE A 140 -0.21 20.72 9.09
C ILE A 140 -0.13 19.51 8.12
N GLU A 141 -1.08 18.58 8.23
CA GLU A 141 -1.18 17.45 7.31
C GLU A 141 -2.03 17.82 6.09
N GLN A 142 -1.49 17.54 4.90
CA GLN A 142 -2.18 17.82 3.65
C GLN A 142 -2.15 16.62 2.73
N ILE A 143 -3.29 16.35 2.10
CA ILE A 143 -3.36 15.29 1.11
C ILE A 143 -2.65 15.81 -0.13
N THR A 144 -1.84 14.98 -0.76
CA THR A 144 -1.28 15.32 -2.06
C THR A 144 -1.64 14.22 -3.04
N TRP A 145 -1.70 14.55 -4.32
CA TRP A 145 -2.24 13.63 -5.30
C TRP A 145 -1.18 12.90 -6.15
N PHE A 146 -1.34 11.59 -6.26
CA PHE A 146 -0.45 10.74 -7.03
C PHE A 146 -1.28 9.88 -7.95
N SER A 147 -0.89 9.82 -9.21
CA SER A 147 -1.31 8.77 -10.09
C SER A 147 -1.13 7.45 -9.39
N SER A 148 -2.20 6.64 -9.41
CA SER A 148 -2.29 5.48 -8.55
C SER A 148 -2.65 4.26 -9.34
N LYS A 149 -2.01 3.14 -9.04
CA LYS A 149 -2.30 1.92 -9.77
C LYS A 149 -2.39 0.70 -8.85
N LEU A 150 -3.50 -0.03 -8.96
CA LEU A 150 -3.74 -1.24 -8.17
C LEU A 150 -3.54 -2.48 -9.04
N TYR A 151 -2.71 -3.42 -8.57
CA TYR A 151 -2.40 -4.64 -9.30
C TYR A 151 -3.04 -5.83 -8.61
N PHE A 152 -3.54 -6.76 -9.41
CA PHE A 152 -4.17 -7.97 -8.89
C PHE A 152 -3.61 -9.18 -9.63
N GLU A 153 -3.53 -10.30 -8.93
CA GLU A 153 -3.02 -11.53 -9.54
C GLU A 153 -3.90 -12.69 -9.09
N PRO A 154 -5.02 -12.90 -9.79
CA PRO A 154 -5.96 -13.92 -9.34
C PRO A 154 -5.51 -15.33 -9.74
N GLU A 155 -6.10 -16.30 -9.05
CA GLU A 155 -5.89 -17.71 -9.35
C GLU A 155 -7.08 -18.22 -10.13
N THR A 156 -6.86 -18.47 -11.42
CA THR A 156 -7.93 -18.98 -12.28
C THR A 156 -7.45 -20.14 -13.14
N GLN A 157 -8.40 -20.94 -13.61
CA GLN A 157 -8.10 -22.10 -14.45
C GLN A 157 -7.21 -21.77 -15.62
N ASP A 158 -6.19 -22.59 -15.83
CA ASP A 158 -5.35 -22.48 -17.02
C ASP A 158 -4.84 -21.07 -17.24
N LYS A 159 -4.62 -20.33 -16.15
CA LYS A 159 -4.08 -18.98 -16.25
C LYS A 159 -4.96 -18.11 -17.11
N ASN A 160 -6.27 -18.34 -17.08
CA ASN A 160 -7.19 -17.61 -17.95
C ASN A 160 -7.05 -16.11 -17.73
N LEU A 161 -7.17 -15.70 -16.46
CA LEU A 161 -6.83 -14.35 -16.04
C LEU A 161 -5.65 -14.39 -15.05
N ARG A 162 -4.47 -14.01 -15.51
CA ARG A 162 -3.26 -14.03 -14.69
C ARG A 162 -3.06 -12.73 -13.93
N GLN A 163 -3.33 -11.61 -14.59
CA GLN A 163 -3.12 -10.31 -13.96
C GLN A 163 -4.09 -9.26 -14.47
N PHE A 164 -4.55 -8.39 -13.58
CA PHE A 164 -5.25 -7.19 -14.03
C PHE A 164 -4.95 -6.02 -13.10
N SER A 165 -5.11 -4.81 -13.62
CA SER A 165 -4.83 -3.63 -12.83
C SER A 165 -5.90 -2.57 -13.03
N ILE A 166 -5.98 -1.66 -12.08
CA ILE A 166 -6.87 -0.52 -12.19
C ILE A 166 -6.03 0.71 -11.91
N GLU A 167 -6.03 1.65 -12.85
CA GLU A 167 -5.23 2.85 -12.68
C GLU A 167 -6.12 4.08 -12.57
N ILE A 168 -5.81 4.95 -11.61
CA ILE A 168 -6.51 6.21 -11.47
C ILE A 168 -5.48 7.33 -11.57
N PRO A 169 -5.49 8.07 -12.69
CA PRO A 169 -4.59 9.22 -12.81
C PRO A 169 -4.73 10.20 -11.64
N ARG A 170 -3.64 10.91 -11.37
CA ARG A 170 -3.58 11.91 -10.33
C ARG A 170 -4.82 12.80 -10.28
N GLU A 171 -5.18 13.36 -11.42
CA GLU A 171 -6.28 14.30 -11.54
C GLU A 171 -7.66 13.67 -11.21
N SER A 172 -7.82 12.39 -11.51
CA SER A 172 -9.04 11.69 -11.18
C SER A 172 -9.09 11.24 -9.72
N CYS A 173 -7.93 11.07 -9.08
CA CYS A 173 -7.89 10.76 -7.65
C CYS A 173 -8.42 11.99 -6.95
N GLU A 174 -7.90 13.15 -7.33
CA GLU A 174 -8.39 14.38 -6.77
C GLU A 174 -9.86 14.56 -7.09
N GLY A 175 -10.22 14.27 -8.34
CA GLY A 175 -11.58 14.50 -8.83
C GLY A 175 -12.58 13.69 -8.06
N LEU A 176 -12.22 12.45 -7.75
CA LEU A 176 -13.11 11.56 -7.02
C LEU A 176 -13.28 12.06 -5.59
N ALA A 177 -12.21 12.58 -4.99
CA ALA A 177 -12.29 13.13 -3.64
C ALA A 177 -13.21 14.38 -3.59
N LEU A 178 -13.27 15.15 -4.67
CA LEU A 178 -14.13 16.34 -4.72
C LEU A 178 -15.62 16.04 -4.68
N GLY A 179 -15.99 14.84 -5.11
CA GLY A 179 -17.39 14.43 -5.06
C GLY A 179 -17.74 13.95 -3.68
N TYR A 180 -16.76 13.89 -2.79
CA TYR A 180 -17.00 13.33 -1.46
C TYR A 180 -17.39 14.27 -0.27
N GLY A 181 -16.67 15.34 0.10
CA GLY A 181 -15.55 15.91 -0.61
C GLY A 181 -14.26 15.91 0.20
N ASN A 182 -14.06 16.88 1.08
CA ASN A 182 -12.81 16.94 1.82
C ASN A 182 -12.57 15.73 2.70
N THR A 183 -11.47 15.03 2.48
CA THR A 183 -11.20 13.85 3.26
C THR A 183 -9.71 13.54 3.28
N MET A 184 -9.23 13.09 4.44
CA MET A 184 -7.85 12.62 4.61
C MET A 184 -7.68 11.15 4.22
N HIS A 185 -8.76 10.51 3.82
CA HIS A 185 -8.73 9.11 3.38
C HIS A 185 -9.43 8.93 2.07
N PRO A 186 -8.89 9.55 1.01
CA PRO A 186 -9.55 9.49 -0.30
C PRO A 186 -9.64 8.10 -0.91
N TYR A 187 -8.66 7.23 -0.67
CA TYR A 187 -8.72 5.90 -1.28
C TYR A 187 -9.84 5.13 -0.62
N ASN A 188 -9.89 5.16 0.70
CA ASN A 188 -10.92 4.44 1.43
C ASN A 188 -12.30 5.04 1.20
N ASP A 189 -12.40 6.37 1.31
CA ASP A 189 -13.70 7.03 1.29
C ASP A 189 -14.34 7.25 -0.08
N ALA A 190 -13.53 7.39 -1.13
CA ALA A 190 -14.05 7.85 -2.41
C ALA A 190 -13.65 6.95 -3.58
N ILE A 191 -12.36 6.65 -3.67
CA ILE A 191 -11.82 5.98 -4.86
C ILE A 191 -12.15 4.48 -4.90
N VAL A 192 -11.91 3.77 -3.79
CA VAL A 192 -12.18 2.34 -3.76
C VAL A 192 -13.69 2.03 -3.88
N PRO A 193 -14.54 2.80 -3.20
CA PRO A 193 -15.98 2.63 -3.40
C PRO A 193 -16.42 2.94 -4.83
N TYR A 194 -15.83 3.95 -5.46
CA TYR A 194 -16.19 4.29 -6.83
C TYR A 194 -15.92 3.10 -7.76
N ILE A 195 -14.76 2.48 -7.61
CA ILE A 195 -14.43 1.27 -8.33
C ILE A 195 -15.48 0.15 -8.13
N TYR A 196 -15.88 -0.08 -6.89
CA TYR A 196 -16.88 -1.11 -6.63
C TYR A 196 -18.20 -0.82 -7.33
N ASN A 197 -18.68 0.42 -7.17
CA ASN A 197 -19.96 0.80 -7.75
C ASN A 197 -19.94 0.84 -9.27
N GLU A 198 -18.78 1.05 -9.86
CA GLU A 198 -18.68 1.13 -11.31
C GLU A 198 -18.34 -0.19 -12.02
N THR A 199 -17.87 -1.18 -11.26
CA THR A 199 -17.36 -2.41 -11.87
C THR A 199 -17.79 -3.68 -11.18
N GLY A 200 -18.28 -3.58 -9.94
CA GLY A 200 -18.54 -4.76 -9.15
C GLY A 200 -17.25 -5.31 -8.54
N MET A 201 -16.12 -4.65 -8.78
CA MET A 201 -14.87 -5.14 -8.21
C MET A 201 -14.65 -4.58 -6.80
N ALA A 202 -14.65 -5.47 -5.81
CA ALA A 202 -14.42 -5.07 -4.43
C ALA A 202 -12.94 -5.26 -4.10
N VAL A 203 -12.21 -4.17 -4.07
CA VAL A 203 -10.74 -4.21 -3.94
C VAL A 203 -10.29 -4.98 -2.70
N GLU A 204 -11.02 -4.77 -1.61
CA GLU A 204 -10.68 -5.38 -0.34
C GLU A 204 -10.96 -6.89 -0.31
N ARG A 205 -11.57 -7.43 -1.37
CA ARG A 205 -11.90 -8.86 -1.40
C ARG A 205 -11.10 -9.56 -2.49
N LEU A 206 -10.51 -8.79 -3.38
CA LEU A 206 -9.73 -9.34 -4.49
C LEU A 206 -8.27 -9.59 -4.10
N PRO A 207 -7.55 -10.36 -4.94
CA PRO A 207 -6.13 -10.66 -4.70
C PRO A 207 -5.24 -9.48 -5.06
N LEU A 208 -5.32 -8.44 -4.24
CA LEU A 208 -4.55 -7.22 -4.46
C LEU A 208 -3.11 -7.48 -4.06
N THR A 209 -2.18 -7.39 -5.01
CA THR A 209 -0.79 -7.67 -4.71
C THR A 209 0.04 -6.40 -4.58
N SER A 210 -0.46 -5.28 -5.08
CA SER A 210 0.21 -4.01 -4.82
C SER A 210 -0.60 -2.77 -5.20
N VAL A 211 -0.27 -1.68 -4.52
CA VAL A 211 -0.77 -0.34 -4.79
C VAL A 211 0.41 0.56 -5.05
N ILE A 212 0.50 1.13 -6.24
CA ILE A 212 1.65 1.94 -6.59
C ILE A 212 1.30 3.41 -6.73
N LEU A 213 1.94 4.24 -5.91
CA LEU A 213 1.77 5.68 -5.98
C LEU A 213 2.98 6.19 -6.74
N ALA A 214 2.78 6.56 -8.01
CA ALA A 214 3.89 6.74 -8.97
C ALA A 214 5.07 7.56 -8.44
N GLY A 215 6.27 6.99 -8.54
CA GLY A 215 7.48 7.68 -8.10
C GLY A 215 7.68 7.79 -6.58
N HIS A 216 6.70 7.32 -5.81
CA HIS A 216 6.71 7.48 -4.36
C HIS A 216 6.89 6.13 -3.68
N THR A 217 5.84 5.33 -3.69
CA THR A 217 5.86 4.12 -2.90
C THR A 217 5.08 3.03 -3.58
N LYS A 218 5.43 1.79 -3.26
CA LYS A 218 4.71 0.62 -3.71
C LYS A 218 4.35 -0.21 -2.47
N ILE A 219 3.06 -0.28 -2.18
CA ILE A 219 2.57 -1.01 -1.02
C ILE A 219 2.18 -2.41 -1.44
N MET A 220 2.72 -3.41 -0.74
CA MET A 220 2.48 -4.82 -1.06
C MET A 220 2.00 -5.56 0.18
N ARG A 221 1.69 -6.85 0.05
CA ARG A 221 1.11 -7.62 1.17
C ARG A 221 2.10 -7.76 2.33
N GLU A 222 3.39 -7.82 2.02
CA GLU A 222 4.36 -8.12 3.06
C GLU A 222 5.54 -7.16 3.11
N SER A 223 5.44 -6.05 2.37
CA SER A 223 6.51 -5.06 2.38
C SER A 223 6.01 -3.74 1.79
N ILE A 224 6.83 -2.70 1.92
CA ILE A 224 6.57 -1.45 1.24
C ILE A 224 7.87 -1.07 0.58
N VAL A 225 7.80 -0.61 -0.65
CA VAL A 225 8.98 -0.13 -1.36
C VAL A 225 8.83 1.38 -1.50
N THR A 226 9.93 2.11 -1.30
CA THR A 226 9.92 3.57 -1.40
C THR A 226 11.09 4.10 -2.25
N SER A 227 10.93 5.32 -2.78
CA SER A 227 12.01 5.99 -3.46
C SER A 227 12.79 6.83 -2.46
N THR A 228 12.22 6.98 -1.28
CA THR A 228 12.83 7.73 -0.19
C THR A 228 13.47 6.77 0.83
N ARG A 229 14.60 7.18 1.39
CA ARG A 229 15.31 6.32 2.34
C ARG A 229 14.66 6.34 3.73
N SER A 230 13.33 6.39 3.75
CA SER A 230 12.60 6.48 5.01
C SER A 230 11.13 6.29 4.77
N LEU A 231 10.36 6.21 5.86
CA LEU A 231 8.92 6.08 5.79
C LEU A 231 8.28 7.26 6.53
N ARG A 232 7.10 7.67 6.08
CA ARG A 232 6.45 8.84 6.67
C ARG A 232 5.79 8.50 8.00
N ASN A 233 5.81 9.43 8.93
CA ASN A 233 5.19 9.26 10.25
C ASN A 233 3.84 8.55 10.17
N ARG A 234 2.94 9.05 9.33
CA ARG A 234 1.60 8.52 9.28
C ARG A 234 1.52 7.09 8.77
N VAL A 235 2.37 6.74 7.81
CA VAL A 235 2.45 5.37 7.33
C VAL A 235 2.86 4.45 8.49
N LEU A 236 3.83 4.87 9.28
CA LEU A 236 4.23 4.11 10.45
C LEU A 236 3.08 3.95 11.45
N ALA A 237 2.35 5.02 11.70
CA ALA A 237 1.26 4.97 12.65
C ALA A 237 0.21 3.97 12.18
N VAL A 238 -0.10 3.97 10.88
CA VAL A 238 -1.07 3.01 10.34
C VAL A 238 -0.58 1.57 10.46
N VAL A 239 0.69 1.31 10.15
CA VAL A 239 1.23 -0.03 10.36
C VAL A 239 0.93 -0.48 11.80
N LEU A 240 1.25 0.37 12.77
CA LEU A 240 1.11 -0.01 14.19
C LEU A 240 -0.34 -0.23 14.61
N GLN A 241 -1.23 0.61 14.10
CA GLN A 241 -2.64 0.45 14.36
C GLN A 241 -3.16 -0.84 13.72
N SER A 242 -2.54 -1.24 12.61
CA SER A 242 -3.00 -2.40 11.86
C SER A 242 -2.79 -3.71 12.59
N ILE A 243 -1.88 -3.72 13.57
CA ILE A 243 -1.53 -4.95 14.28
C ILE A 243 -2.18 -5.03 15.68
N GLN A 244 -3.08 -4.11 16.01
CA GLN A 244 -3.77 -4.16 17.31
C GLN A 244 -4.91 -5.18 17.27
N PHE A 245 -5.68 -5.37 18.31
CA PHE A 245 -6.63 -6.49 18.27
C PHE A 245 -8.07 -6.03 18.16
N SER B 17 -11.87 -28.36 -18.19
CA SER B 17 -12.27 -27.06 -18.68
C SER B 17 -13.57 -26.73 -18.01
N ARG B 18 -14.11 -25.56 -18.30
CA ARG B 18 -15.35 -25.12 -17.72
C ARG B 18 -15.44 -23.65 -17.98
N TYR B 19 -14.32 -23.00 -18.17
CA TYR B 19 -14.44 -21.54 -18.32
C TYR B 19 -13.92 -21.01 -19.66
N SER B 20 -13.50 -21.92 -20.54
CA SER B 20 -12.93 -21.53 -21.83
C SER B 20 -13.89 -20.69 -22.67
N SER B 21 -13.33 -19.96 -23.64
CA SER B 21 -14.10 -19.13 -24.54
C SER B 21 -13.88 -19.56 -26.00
N LEU B 22 -14.90 -19.36 -26.83
CA LEU B 22 -14.81 -19.68 -28.25
C LEU B 22 -13.63 -18.92 -28.89
N VAL B 23 -13.52 -17.63 -28.59
CA VAL B 23 -12.38 -16.84 -29.04
C VAL B 23 -11.67 -16.21 -27.84
N PRO B 24 -10.69 -16.92 -27.27
CA PRO B 24 -10.01 -16.38 -26.09
C PRO B 24 -9.26 -15.08 -26.35
N ILE B 25 -9.45 -14.10 -25.47
CA ILE B 25 -8.66 -12.86 -25.50
C ILE B 25 -7.56 -12.92 -24.45
N GLU B 26 -6.37 -12.51 -24.83
CA GLU B 26 -5.22 -12.56 -23.94
C GLU B 26 -4.86 -11.18 -23.39
N LYS B 27 -5.27 -10.14 -24.09
CA LYS B 27 -5.03 -8.76 -23.66
C LYS B 27 -6.20 -7.84 -24.02
N VAL B 28 -6.72 -7.13 -23.04
CA VAL B 28 -7.78 -6.16 -23.31
C VAL B 28 -7.72 -5.04 -22.29
N GLY B 29 -8.12 -3.85 -22.71
CA GLY B 29 -8.10 -2.69 -21.84
C GLY B 29 -9.34 -1.85 -21.98
N PHE B 30 -9.79 -1.26 -20.88
CA PHE B 30 -10.93 -0.37 -20.89
C PHE B 30 -10.61 0.92 -20.15
N THR B 31 -11.02 2.05 -20.70
CA THR B 31 -10.92 3.33 -20.04
C THR B 31 -12.32 3.78 -19.71
N LEU B 32 -12.60 3.97 -18.44
CA LEU B 32 -13.93 4.39 -18.03
C LEU B 32 -13.90 5.87 -17.71
N LYS B 33 -14.71 6.64 -18.41
CA LYS B 33 -14.84 8.07 -18.17
C LYS B 33 -16.26 8.45 -17.80
N ASN B 34 -16.44 8.99 -16.60
CA ASN B 34 -17.75 9.47 -16.19
C ASN B 34 -17.69 10.94 -15.83
N GLU B 35 -18.77 11.62 -16.14
CA GLU B 35 -18.88 13.02 -15.84
C GLU B 35 -19.61 13.14 -14.52
N ILE B 36 -18.92 13.67 -13.52
CA ILE B 36 -19.48 13.83 -12.16
C ILE B 36 -19.39 15.30 -11.74
N ASN B 37 -20.52 15.92 -11.44
CA ASN B 37 -20.57 17.36 -11.18
C ASN B 37 -19.76 18.16 -12.20
N SER B 38 -19.92 17.79 -13.47
CA SER B 38 -19.30 18.50 -14.60
C SER B 38 -17.79 18.28 -14.68
N ARG B 39 -17.27 17.36 -13.89
CA ARG B 39 -15.86 17.00 -13.93
C ARG B 39 -15.69 15.58 -14.52
N ILE B 40 -14.71 15.40 -15.39
CA ILE B 40 -14.48 14.09 -15.98
C ILE B 40 -13.54 13.29 -15.05
N ILE B 41 -14.03 12.15 -14.58
CA ILE B 41 -13.27 11.19 -13.80
C ILE B 41 -12.93 9.97 -14.70
N THR B 42 -11.64 9.66 -14.76
CA THR B 42 -11.13 8.59 -15.62
C THR B 42 -10.48 7.50 -14.76
N ILE B 43 -10.81 6.23 -15.02
CA ILE B 43 -10.02 5.11 -14.52
C ILE B 43 -9.69 4.17 -15.69
N LYS B 44 -8.56 3.47 -15.62
CA LYS B 44 -8.16 2.57 -16.70
C LYS B 44 -7.96 1.15 -16.18
N LEU B 45 -8.66 0.19 -16.79
CA LEU B 45 -8.56 -1.21 -16.40
C LEU B 45 -7.83 -1.99 -17.48
N LYS B 46 -6.91 -2.87 -17.09
CA LYS B 46 -6.15 -3.70 -18.02
C LYS B 46 -6.14 -5.15 -17.55
N PHE B 47 -6.26 -6.09 -18.49
CA PHE B 47 -6.28 -7.50 -18.15
C PHE B 47 -5.28 -8.29 -18.99
N ASN B 48 -4.69 -9.33 -18.39
CA ASN B 48 -3.73 -10.18 -19.08
C ASN B 48 -3.98 -11.64 -18.69
N GLY B 49 -3.95 -12.52 -19.68
CA GLY B 49 -4.15 -13.94 -19.44
C GLY B 49 -4.19 -14.76 -20.72
N ASN B 50 -4.56 -16.03 -20.58
CA ASN B 50 -4.76 -16.91 -21.73
C ASN B 50 -6.19 -16.78 -22.26
N ASP B 51 -7.11 -16.37 -21.39
CA ASP B 51 -8.54 -16.28 -21.73
C ASP B 51 -9.23 -15.36 -20.73
N ILE B 52 -9.15 -14.06 -20.95
CA ILE B 52 -9.52 -13.07 -19.94
C ILE B 52 -10.97 -13.18 -19.45
N PHE B 53 -11.93 -13.23 -20.36
CA PHE B 53 -13.33 -13.21 -19.98
C PHE B 53 -13.75 -14.51 -19.30
N GLY B 54 -13.02 -15.58 -19.58
CA GLY B 54 -13.18 -16.82 -18.84
C GLY B 54 -12.70 -16.67 -17.40
N GLY B 55 -11.55 -16.03 -17.21
CA GLY B 55 -11.06 -15.73 -15.88
C GLY B 55 -12.06 -14.86 -15.13
N LEU B 56 -12.55 -13.82 -15.79
CA LEU B 56 -13.53 -12.94 -15.18
C LEU B 56 -14.80 -13.69 -14.82
N HIS B 57 -15.16 -14.67 -15.64
CA HIS B 57 -16.34 -15.51 -15.39
C HIS B 57 -16.17 -16.23 -14.07
N GLU B 58 -15.03 -16.89 -13.91
CA GLU B 58 -14.71 -17.62 -12.68
C GLU B 58 -14.72 -16.72 -11.44
N LEU B 59 -14.12 -15.54 -11.53
CA LEU B 59 -14.12 -14.61 -10.40
C LEU B 59 -15.52 -14.21 -9.96
N CYS B 60 -16.42 -14.04 -10.92
CA CYS B 60 -17.81 -13.73 -10.63
C CYS B 60 -18.52 -14.91 -9.97
N ASP B 61 -18.15 -16.11 -10.38
CA ASP B 61 -18.72 -17.31 -9.77
C ASP B 61 -18.22 -17.45 -8.32
N LYS B 62 -16.93 -17.27 -8.11
CA LYS B 62 -16.34 -17.32 -6.78
C LYS B 62 -16.74 -16.12 -5.92
N ASN B 63 -17.55 -15.23 -6.49
CA ASN B 63 -18.11 -14.08 -5.77
C ASN B 63 -17.09 -13.00 -5.43
N LEU B 64 -15.90 -13.12 -6.03
CA LEU B 64 -14.87 -12.12 -5.83
C LEU B 64 -15.23 -10.85 -6.60
N ILE B 65 -16.07 -11.02 -7.62
CA ILE B 65 -16.65 -9.88 -8.31
C ILE B 65 -18.18 -9.95 -8.21
N ASN B 66 -18.83 -8.80 -8.01
CA ASN B 66 -20.29 -8.77 -7.93
C ASN B 66 -20.94 -8.57 -9.29
N ILE B 67 -21.65 -9.60 -9.74
CA ILE B 67 -22.01 -9.72 -11.15
C ILE B 67 -23.11 -8.73 -11.47
N ASP B 68 -23.89 -8.39 -10.45
CA ASP B 68 -24.99 -7.45 -10.56
C ASP B 68 -24.46 -6.04 -10.77
N LYS B 69 -23.21 -5.80 -10.34
CA LYS B 69 -22.60 -4.49 -10.52
C LYS B 69 -21.63 -4.48 -11.67
N VAL B 70 -21.47 -5.61 -12.33
CA VAL B 70 -20.54 -5.68 -13.45
C VAL B 70 -21.22 -5.10 -14.67
N PRO B 71 -20.73 -3.94 -15.15
CA PRO B 71 -21.35 -3.36 -16.34
C PRO B 71 -21.22 -4.29 -17.53
N GLY B 72 -22.08 -4.11 -18.51
CA GLY B 72 -22.03 -4.90 -19.73
C GLY B 72 -20.65 -4.94 -20.35
N TRP B 73 -19.98 -3.80 -20.40
CA TRP B 73 -18.71 -3.70 -21.12
C TRP B 73 -17.61 -4.53 -20.48
N LEU B 74 -17.65 -4.64 -19.16
CA LEU B 74 -16.62 -5.40 -18.46
C LEU B 74 -16.91 -6.90 -18.59
N ALA B 75 -18.20 -7.23 -18.70
CA ALA B 75 -18.62 -8.62 -18.88
C ALA B 75 -18.36 -9.16 -20.30
N GLY B 76 -17.86 -8.30 -21.19
CA GLY B 76 -17.51 -8.72 -22.53
C GLY B 76 -18.42 -8.24 -23.64
N GLU B 77 -19.54 -7.60 -23.28
CA GLU B 77 -20.48 -7.09 -24.27
C GLU B 77 -19.73 -6.34 -25.37
N ASN B 78 -19.15 -7.09 -26.30
CA ASN B 78 -18.26 -6.52 -27.33
C ASN B 78 -16.83 -7.00 -27.13
N GLY B 79 -16.65 -7.73 -26.04
CA GLY B 79 -15.38 -8.34 -25.71
C GLY B 79 -14.61 -8.70 -26.96
N SER B 80 -13.29 -8.55 -26.90
CA SER B 80 -12.40 -8.75 -28.04
C SER B 80 -11.73 -7.42 -28.33
N PHE B 81 -12.44 -6.34 -28.03
CA PHE B 81 -11.97 -5.01 -28.33
C PHE B 81 -11.76 -4.20 -27.08
N SER B 82 -10.57 -3.62 -26.98
CA SER B 82 -10.29 -2.60 -26.00
C SER B 82 -11.03 -1.35 -26.42
N GLY B 83 -11.40 -0.51 -25.46
CA GLY B 83 -12.08 0.72 -25.80
C GLY B 83 -12.29 1.67 -24.63
N THR B 84 -12.93 2.79 -24.94
CA THR B 84 -13.26 3.81 -23.96
C THR B 84 -14.76 3.81 -23.73
N ILE B 85 -15.17 3.89 -22.48
CA ILE B 85 -16.58 4.02 -22.16
C ILE B 85 -16.76 5.42 -21.56
N MET B 86 -17.54 6.25 -22.24
CA MET B 86 -17.80 7.63 -21.87
C MET B 86 -19.26 7.76 -21.48
N ASN B 87 -19.56 8.04 -20.23
CA ASN B 87 -20.95 8.12 -19.77
C ASN B 87 -21.79 6.99 -20.37
N GLY B 88 -21.25 5.78 -20.34
CA GLY B 88 -22.03 4.59 -20.63
C GLY B 88 -22.05 4.17 -22.08
N ASP B 89 -21.31 4.87 -22.90
CA ASP B 89 -21.30 4.59 -24.29
C ASP B 89 -19.97 4.04 -24.73
N PHE B 90 -19.92 2.78 -25.09
CA PHE B 90 -18.66 2.13 -25.44
C PHE B 90 -18.22 2.53 -26.85
N GLN B 91 -16.92 2.71 -27.03
CA GLN B 91 -16.34 2.99 -28.34
C GLN B 91 -14.97 2.33 -28.44
N ARG B 92 -14.86 1.32 -29.29
CA ARG B 92 -13.61 0.57 -29.39
C ARG B 92 -12.49 1.43 -29.95
N GLU B 93 -11.26 1.03 -29.62
CA GLU B 93 -10.03 1.65 -30.13
C GLU B 93 -9.08 1.99 -28.99
#